data_3HP4
#
_entry.id   3HP4
#
_cell.length_a   83.820
_cell.length_b   83.820
_cell.length_c   130.950
_cell.angle_alpha   90.00
_cell.angle_beta   90.00
_cell.angle_gamma   120.00
#
_symmetry.space_group_name_H-M   'P 61 2 2'
#
loop_
_entity.id
_entity.type
_entity.pdbx_description
1 polymer GDSL-esterase
2 water water
#
_entity_poly.entity_id   1
_entity_poly.type   'polypeptide(L)'
_entity_poly.pdbx_seq_one_letter_code
;MDNTILILGD(MIR)LSAAYGLQQEEGWVKLLQDKYDAEQSDIVLINASISGETSGGALRRLDALLEQYEPTHVLIELGA
NDGLRGFPVKKMQTNLTALVKKSQAANAMTALMEIYIPPNYGPRYSKMFTSSFTQISEDTNAHLMNFFMLDIAGKSDLMQ
NDSLHPNKKAQPLIRDEMYDSIKKWLNNV
;
_entity_poly.pdbx_strand_id   A
#
# COMPACT_ATOMS: atom_id res chain seq x y z
N ASP A 2 9.43 7.79 17.93
CA ASP A 2 8.19 8.01 17.08
C ASP A 2 8.21 7.48 15.63
N ASN A 3 7.72 6.29 15.44
CA ASN A 3 7.53 5.76 14.14
C ASN A 3 6.09 5.43 14.04
N THR A 4 5.31 6.44 13.71
CA THR A 4 3.88 6.26 13.54
C THR A 4 3.59 6.27 12.04
N ILE A 5 3.06 5.16 11.56
CA ILE A 5 2.89 4.96 10.11
C ILE A 5 1.42 4.91 9.78
N LEU A 6 0.97 5.86 8.96
CA LEU A 6 -0.40 5.83 8.41
C LEU A 6 -0.41 4.93 7.20
N ILE A 7 -1.23 3.89 7.23
CA ILE A 7 -1.35 2.90 6.14
CA ILE A 7 -1.32 3.01 6.08
C ILE A 7 -2.52 3.37 5.27
N LEU A 8 -2.24 3.85 4.09
CA LEU A 8 -3.29 4.37 3.19
C LEU A 8 -3.45 3.33 2.10
N GLY A 9 -4.30 2.33 2.41
CA GLY A 9 -4.47 1.16 1.52
C GLY A 9 -5.89 0.96 1.07
N ASP A 10 -6.07 -0.18 0.40
CA ASP A 10 -7.39 -0.59 -0.12
C ASP A 10 -7.76 -1.92 0.50
N MIR A 11 -8.59 -2.72 -0.15
CA MIR A 11 -9.00 -3.96 0.45
CB MIR A 11 -10.04 -4.72 -0.37
OG MIR A 11 -9.49 -5.06 -1.66
P MIR A 11 -10.00 -4.25 -2.89
O1P MIR A 11 -10.01 -2.65 -2.66
O2P MIR A 11 -11.40 -4.85 -3.19
O3P MIR A 11 -9.13 -4.76 -4.08
C1 MIR A 11 -7.79 -4.29 -4.25
C2 MIR A 11 -7.11 -5.43 -5.03
C MIR A 11 -7.89 -4.90 0.78
O MIR A 11 -8.12 -5.75 1.63
N LEU A 12 -6.72 -4.76 0.17
CA LEU A 12 -5.63 -5.63 0.50
C LEU A 12 -5.05 -5.36 1.89
N SER A 13 -5.38 -4.21 2.47
CA SER A 13 -4.90 -3.84 3.83
C SER A 13 -6.04 -3.60 4.80
N ALA A 14 -7.28 -3.64 4.32
CA ALA A 14 -8.47 -3.45 5.16
C ALA A 14 -9.16 -4.76 5.61
N ALA A 15 -8.49 -5.91 5.53
CA ALA A 15 -9.14 -7.16 6.05
C ALA A 15 -10.52 -7.46 5.41
N TYR A 16 -10.62 -7.24 4.11
CA TYR A 16 -11.85 -7.54 3.38
C TYR A 16 -12.26 -9.01 3.53
N GLY A 17 -13.51 -9.26 3.91
CA GLY A 17 -13.95 -10.66 4.06
C GLY A 17 -13.43 -11.37 5.31
N LEU A 18 -12.79 -10.64 6.20
CA LEU A 18 -12.20 -11.20 7.41
C LEU A 18 -12.61 -10.31 8.56
N GLN A 19 -12.30 -10.73 9.78
CA GLN A 19 -12.45 -9.81 10.93
C GLN A 19 -11.22 -8.89 10.94
N GLN A 20 -11.41 -7.66 11.41
CA GLN A 20 -10.32 -6.68 11.41
C GLN A 20 -9.12 -7.25 12.18
N GLU A 21 -9.39 -7.91 13.31
CA GLU A 21 -8.33 -8.52 14.12
C GLU A 21 -7.58 -9.70 13.46
N GLU A 22 -8.11 -10.24 12.37
CA GLU A 22 -7.39 -11.27 11.60
C GLU A 22 -6.47 -10.68 10.51
N GLY A 23 -6.61 -9.41 10.23
CA GLY A 23 -5.87 -8.78 9.15
C GLY A 23 -4.41 -8.53 9.48
N TRP A 24 -3.61 -8.46 8.44
CA TRP A 24 -2.19 -8.36 8.65
C TRP A 24 -1.77 -7.11 9.38
N VAL A 25 -2.52 -5.99 9.25
CA VAL A 25 -2.10 -4.78 9.95
C VAL A 25 -2.18 -5.00 11.46
N LYS A 26 -3.29 -5.57 11.93
CA LYS A 26 -3.43 -5.82 13.35
CA LYS A 26 -3.47 -5.88 13.33
C LYS A 26 -2.44 -6.92 13.79
N LEU A 27 -2.23 -7.94 12.96
CA LEU A 27 -1.25 -8.97 13.34
C LEU A 27 0.16 -8.37 13.42
N LEU A 28 0.47 -7.44 12.53
CA LEU A 28 1.76 -6.79 12.57
C LEU A 28 1.90 -5.91 13.82
N GLN A 29 0.84 -5.19 14.21
CA GLN A 29 0.94 -4.45 15.46
C GLN A 29 1.15 -5.41 16.63
N ASP A 30 0.49 -6.58 16.61
CA ASP A 30 0.68 -7.55 17.71
C ASP A 30 2.14 -7.93 17.78
N LYS A 31 2.78 -8.12 16.63
CA LYS A 31 4.19 -8.50 16.57
C LYS A 31 5.06 -7.40 17.13
N TYR A 32 4.81 -6.17 16.72
CA TYR A 32 5.53 -5.03 17.28
C TYR A 32 5.37 -4.98 18.80
N ASP A 33 4.14 -5.12 19.27
CA ASP A 33 3.83 -5.04 20.73
C ASP A 33 4.59 -6.11 21.47
N ALA A 34 4.88 -7.25 20.87
CA ALA A 34 5.51 -8.37 21.60
C ALA A 34 7.04 -8.31 21.49
N GLU A 35 7.56 -7.38 20.69
CA GLU A 35 8.96 -7.30 20.47
C GLU A 35 9.60 -5.95 20.82
N GLN A 36 8.94 -5.19 21.69
CA GLN A 36 9.50 -3.96 22.23
C GLN A 36 9.78 -2.99 21.10
N SER A 37 8.89 -2.91 20.14
CA SER A 37 9.00 -1.88 19.07
C SER A 37 8.31 -0.56 19.39
N ASP A 38 8.81 0.50 18.83
CA ASP A 38 8.04 1.73 18.97
C ASP A 38 7.17 2.01 17.75
N ILE A 39 7.05 1.09 16.82
CA ILE A 39 6.26 1.41 15.62
C ILE A 39 4.77 1.28 15.97
N VAL A 40 3.99 2.28 15.52
CA VAL A 40 2.53 2.25 15.66
C VAL A 40 1.94 2.39 14.27
N LEU A 41 1.10 1.45 13.91
CA LEU A 41 0.37 1.51 12.62
C LEU A 41 -0.99 2.10 12.79
N ILE A 42 -1.36 3.01 11.90
CA ILE A 42 -2.73 3.57 11.88
C ILE A 42 -3.33 3.14 10.57
N ASN A 43 -4.31 2.28 10.60
CA ASN A 43 -4.89 1.76 9.36
C ASN A 43 -5.97 2.71 8.84
N ALA A 44 -5.75 3.34 7.70
CA ALA A 44 -6.72 4.16 7.03
C ALA A 44 -7.13 3.55 5.73
N SER A 45 -7.05 2.24 5.62
CA SER A 45 -7.41 1.56 4.36
C SER A 45 -8.91 1.44 4.22
N ILE A 46 -9.39 1.49 2.99
CA ILE A 46 -10.83 1.33 2.72
C ILE A 46 -10.98 0.43 1.50
N SER A 47 -11.78 -0.63 1.60
CA SER A 47 -12.04 -1.48 0.46
C SER A 47 -12.59 -0.69 -0.72
N GLY A 48 -12.04 -0.96 -1.88
CA GLY A 48 -12.45 -0.32 -3.11
C GLY A 48 -11.81 1.05 -3.31
N GLU A 49 -10.93 1.49 -2.42
CA GLU A 49 -10.34 2.83 -2.57
C GLU A 49 -9.49 2.95 -3.83
N THR A 50 -9.57 4.11 -4.46
CA THR A 50 -8.77 4.43 -5.65
C THR A 50 -7.78 5.53 -5.26
N SER A 51 -6.86 5.80 -6.18
CA SER A 51 -5.91 6.88 -5.95
C SER A 51 -6.63 8.24 -5.78
N GLY A 52 -7.67 8.46 -6.57
CA GLY A 52 -8.37 9.75 -6.51
C GLY A 52 -9.22 9.82 -5.26
N GLY A 53 -9.82 8.71 -4.82
CA GLY A 53 -10.60 8.76 -3.57
C GLY A 53 -9.74 9.04 -2.37
N ALA A 54 -8.56 8.44 -2.33
CA ALA A 54 -7.66 8.66 -1.22
C ALA A 54 -7.21 10.11 -1.20
N LEU A 55 -6.97 10.69 -2.37
CA LEU A 55 -6.50 12.04 -2.44
C LEU A 55 -7.49 13.00 -1.77
N ARG A 56 -8.79 12.69 -1.85
CA ARG A 56 -9.81 13.51 -1.22
C ARG A 56 -9.83 13.38 0.30
N ARG A 57 -9.25 12.32 0.85
CA ARG A 57 -9.27 12.06 2.29
C ARG A 57 -7.97 12.44 3.00
N LEU A 58 -6.88 12.60 2.24
CA LEU A 58 -5.59 12.59 2.92
C LEU A 58 -5.34 13.84 3.76
N ASP A 59 -5.74 15.01 3.30
CA ASP A 59 -5.47 16.19 4.12
C ASP A 59 -6.05 16.03 5.51
N ALA A 60 -7.28 15.55 5.58
CA ALA A 60 -7.91 15.36 6.90
C ALA A 60 -7.21 14.33 7.75
N LEU A 61 -6.75 13.21 7.14
CA LEU A 61 -6.00 12.23 7.91
C LEU A 61 -4.66 12.76 8.43
N LEU A 62 -3.95 13.53 7.62
CA LEU A 62 -2.69 14.10 8.06
C LEU A 62 -2.91 15.08 9.24
N GLU A 63 -3.95 15.90 9.16
CA GLU A 63 -4.27 16.79 10.27
C GLU A 63 -4.65 15.98 11.49
N GLN A 64 -5.41 14.91 11.30
CA GLN A 64 -5.95 14.11 12.42
C GLN A 64 -4.84 13.47 13.23
N TYR A 65 -3.89 12.82 12.52
CA TYR A 65 -2.90 11.99 13.20
C TYR A 65 -1.48 12.50 13.21
N GLU A 66 -1.18 13.49 12.35
CA GLU A 66 0.20 14.00 12.23
C GLU A 66 1.24 12.88 12.20
N PRO A 67 1.05 11.90 11.28
CA PRO A 67 1.96 10.77 11.26
C PRO A 67 3.37 11.19 10.87
N THR A 68 4.33 10.42 11.31
CA THR A 68 5.68 10.66 10.87
C THR A 68 6.03 9.98 9.56
N HIS A 69 5.21 9.00 9.19
CA HIS A 69 5.42 8.16 8.02
C HIS A 69 4.07 7.86 7.39
N VAL A 70 4.04 7.78 6.07
CA VAL A 70 2.83 7.37 5.33
C VAL A 70 3.22 6.28 4.37
N LEU A 71 2.47 5.19 4.38
CA LEU A 71 2.72 4.04 3.48
C LEU A 71 1.51 3.89 2.61
N ILE A 72 1.68 4.17 1.31
CA ILE A 72 0.61 4.11 0.31
C ILE A 72 0.56 2.75 -0.32
N GLU A 73 -0.61 2.10 -0.28
CA GLU A 73 -0.84 0.82 -1.01
C GLU A 73 -2.12 1.02 -1.78
N LEU A 74 -2.00 1.69 -2.93
CA LEU A 74 -3.14 2.09 -3.74
C LEU A 74 -2.82 2.00 -5.19
N GLY A 75 -3.88 1.82 -5.96
CA GLY A 75 -3.81 1.84 -7.43
C GLY A 75 -4.38 0.58 -8.00
N ALA A 76 -4.44 -0.54 -7.27
CA ALA A 76 -5.01 -1.76 -7.82
C ALA A 76 -6.40 -1.50 -8.34
N ASN A 77 -7.23 -0.76 -7.62
CA ASN A 77 -8.60 -0.52 -8.10
C ASN A 77 -8.62 0.31 -9.36
N ASP A 78 -7.75 1.29 -9.46
CA ASP A 78 -7.65 2.05 -10.71
CA ASP A 78 -7.61 2.10 -10.70
C ASP A 78 -7.29 1.12 -11.88
N GLY A 79 -6.30 0.25 -11.67
CA GLY A 79 -5.84 -0.64 -12.75
C GLY A 79 -6.83 -1.71 -13.10
N LEU A 80 -7.51 -2.29 -12.10
CA LEU A 80 -8.59 -3.27 -12.38
C LEU A 80 -9.71 -2.67 -13.15
N ARG A 81 -9.91 -1.38 -13.06
CA ARG A 81 -10.94 -0.68 -13.76
CA ARG A 81 -10.97 -0.77 -13.84
C ARG A 81 -10.47 -0.09 -15.10
N GLY A 82 -9.19 -0.28 -15.41
CA GLY A 82 -8.60 0.24 -16.64
C GLY A 82 -8.51 1.74 -16.71
N PHE A 83 -8.42 2.42 -15.56
CA PHE A 83 -8.36 3.85 -15.58
CA PHE A 83 -8.30 3.87 -15.49
C PHE A 83 -7.02 4.32 -16.16
N PRO A 84 -6.96 5.54 -16.70
CA PRO A 84 -5.71 5.98 -17.31
C PRO A 84 -4.58 6.03 -16.30
N VAL A 85 -3.44 5.43 -16.64
CA VAL A 85 -2.29 5.42 -15.75
C VAL A 85 -1.79 6.80 -15.56
N LYS A 86 -1.80 7.68 -16.54
CA LYS A 86 -1.33 9.05 -16.35
C LYS A 86 -2.09 9.76 -15.25
N LYS A 87 -3.41 9.57 -15.16
CA LYS A 87 -4.19 10.20 -14.13
C LYS A 87 -3.90 9.55 -12.79
N MET A 88 -3.81 8.22 -12.73
CA MET A 88 -3.42 7.56 -11.47
C MET A 88 -2.07 8.11 -11.01
N GLN A 89 -1.11 8.28 -11.91
CA GLN A 89 0.20 8.80 -11.55
C GLN A 89 0.10 10.20 -10.99
N THR A 90 -0.70 11.06 -11.60
CA THR A 90 -0.93 12.41 -11.08
C THR A 90 -1.49 12.34 -9.67
N ASN A 91 -2.48 11.48 -9.45
CA ASN A 91 -3.11 11.37 -8.17
C ASN A 91 -2.15 10.84 -7.12
N LEU A 92 -1.39 9.78 -7.41
CA LEU A 92 -0.45 9.23 -6.45
C LEU A 92 0.67 10.20 -6.17
N THR A 93 1.15 10.94 -7.17
CA THR A 93 2.20 11.93 -6.93
C THR A 93 1.69 12.98 -5.98
N ALA A 94 0.46 13.43 -6.15
CA ALA A 94 -0.10 14.44 -5.22
C ALA A 94 -0.25 13.86 -3.85
N LEU A 95 -0.62 12.59 -3.67
CA LEU A 95 -0.69 11.97 -2.37
C LEU A 95 0.66 12.00 -1.73
N VAL A 96 1.71 11.61 -2.46
CA VAL A 96 3.07 11.63 -1.90
C VAL A 96 3.46 13.03 -1.52
N LYS A 97 3.24 14.02 -2.38
CA LYS A 97 3.67 15.37 -2.08
C LYS A 97 2.91 15.96 -0.92
N LYS A 98 1.63 15.66 -0.75
CA LYS A 98 0.89 16.15 0.43
C LYS A 98 1.48 15.54 1.70
N SER A 99 1.79 14.26 1.67
CA SER A 99 2.38 13.63 2.84
CA SER A 99 2.42 13.58 2.80
C SER A 99 3.74 14.23 3.18
N GLN A 100 4.59 14.43 2.19
CA GLN A 100 5.90 15.02 2.41
C GLN A 100 5.79 16.45 2.92
N ALA A 101 4.83 17.22 2.40
CA ALA A 101 4.63 18.60 2.85
C ALA A 101 4.20 18.63 4.28
N ALA A 102 3.54 17.58 4.78
CA ALA A 102 3.19 17.45 6.21
C ALA A 102 4.29 16.78 6.98
N ASN A 103 5.52 16.76 6.46
CA ASN A 103 6.64 16.24 7.22
CA ASN A 103 6.72 16.23 7.14
C ASN A 103 6.64 14.75 7.45
N ALA A 104 5.93 14.02 6.60
CA ALA A 104 5.89 12.57 6.74
C ALA A 104 6.82 11.93 5.73
N MET A 105 7.69 11.04 6.15
CA MET A 105 8.46 10.18 5.25
CA MET A 105 8.47 10.19 5.20
C MET A 105 7.48 9.24 4.53
N THR A 106 7.59 9.13 3.22
CA THR A 106 6.53 8.47 2.46
C THR A 106 7.06 7.29 1.71
N ALA A 107 6.32 6.18 1.73
CA ALA A 107 6.61 4.99 0.93
C ALA A 107 5.44 4.71 0.06
N LEU A 108 5.73 4.10 -1.09
CA LEU A 108 4.75 3.74 -2.09
C LEU A 108 4.95 2.28 -2.44
N MET A 109 3.94 1.47 -2.29
CA MET A 109 4.05 0.06 -2.70
C MET A 109 3.84 -0.10 -4.20
N GLU A 110 4.73 -0.80 -4.86
CA GLU A 110 4.59 -1.26 -6.26
CA GLU A 110 4.41 -1.06 -6.28
C GLU A 110 3.34 -2.13 -6.34
N ILE A 111 2.49 -1.98 -7.33
CA ILE A 111 1.27 -2.81 -7.47
C ILE A 111 1.37 -3.50 -8.82
N TYR A 112 0.93 -4.76 -8.90
CA TYR A 112 0.81 -5.53 -10.14
C TYR A 112 -0.64 -5.93 -10.31
N ILE A 113 -1.05 -5.94 -11.57
CA ILE A 113 -2.44 -6.31 -11.93
C ILE A 113 -2.44 -7.33 -13.02
N PRO A 114 -3.52 -8.13 -13.08
CA PRO A 114 -3.65 -9.05 -14.24
C PRO A 114 -3.86 -8.28 -15.53
N PRO A 115 -3.57 -8.92 -16.66
CA PRO A 115 -3.63 -8.28 -17.98
C PRO A 115 -5.07 -8.16 -18.52
N ASN A 116 -5.98 -7.65 -17.69
CA ASN A 116 -7.35 -7.48 -18.10
C ASN A 116 -7.53 -6.46 -19.20
N TYR A 117 -6.55 -5.57 -19.36
CA TYR A 117 -6.52 -4.58 -20.47
C TYR A 117 -5.30 -4.77 -21.29
N GLY A 118 -4.74 -5.99 -21.27
CA GLY A 118 -3.58 -6.36 -22.06
C GLY A 118 -2.28 -6.20 -21.29
N PRO A 119 -1.24 -6.91 -21.70
CA PRO A 119 0.05 -6.80 -21.00
C PRO A 119 0.67 -5.43 -21.06
N ARG A 120 0.50 -4.67 -22.12
CA ARG A 120 1.14 -3.38 -22.16
CA ARG A 120 1.13 -3.37 -22.16
C ARG A 120 0.58 -2.44 -21.12
N TYR A 121 -0.75 -2.39 -20.96
CA TYR A 121 -1.32 -1.57 -19.89
C TYR A 121 -0.83 -2.04 -18.54
N SER A 122 -0.71 -3.34 -18.30
CA SER A 122 -0.20 -3.80 -16.99
C SER A 122 1.23 -3.30 -16.78
N LYS A 123 2.08 -3.26 -17.80
CA LYS A 123 3.42 -2.76 -17.63
C LYS A 123 3.42 -1.26 -17.42
N MET A 124 2.60 -0.52 -18.16
CA MET A 124 2.47 0.91 -17.93
C MET A 124 2.08 1.20 -16.52
N PHE A 125 1.12 0.44 -16.01
CA PHE A 125 0.62 0.58 -14.65
C PHE A 125 1.71 0.29 -13.63
N THR A 126 2.38 -0.84 -13.71
CA THR A 126 3.36 -1.16 -12.65
C THR A 126 4.56 -0.19 -12.74
N SER A 127 5.01 0.15 -13.93
CA SER A 127 6.15 1.03 -14.05
C SER A 127 5.86 2.42 -13.54
N SER A 128 4.59 2.83 -13.49
CA SER A 128 4.32 4.17 -13.02
CA SER A 128 4.19 4.11 -12.94
C SER A 128 4.77 4.33 -11.55
N PHE A 129 4.76 3.29 -10.74
CA PHE A 129 5.17 3.45 -9.34
C PHE A 129 6.67 3.78 -9.28
N THR A 130 7.47 3.16 -10.13
CA THR A 130 8.92 3.50 -10.17
C THR A 130 9.06 4.97 -10.61
N GLN A 131 8.32 5.42 -11.60
CA GLN A 131 8.41 6.82 -12.04
C GLN A 131 8.01 7.80 -10.97
N ILE A 132 6.99 7.48 -10.15
CA ILE A 132 6.59 8.38 -9.06
C ILE A 132 7.68 8.40 -8.06
N SER A 133 8.34 7.27 -7.73
CA SER A 133 9.42 7.28 -6.79
CA SER A 133 9.45 7.26 -6.78
C SER A 133 10.58 8.13 -7.29
N GLU A 134 10.92 8.07 -8.58
CA GLU A 134 11.97 8.93 -9.09
C GLU A 134 11.61 10.40 -8.94
N ASP A 135 10.36 10.73 -9.18
CA ASP A 135 9.85 12.14 -9.18
CA ASP A 135 10.00 12.16 -9.17
C ASP A 135 9.82 12.72 -7.77
N THR A 136 9.59 11.90 -6.77
CA THR A 136 9.28 12.40 -5.42
C THR A 136 10.25 11.92 -4.41
N ASN A 137 11.08 10.92 -4.68
CA ASN A 137 11.93 10.25 -3.67
C ASN A 137 11.13 9.42 -2.69
N ALA A 138 9.87 9.15 -2.93
CA ALA A 138 9.17 8.18 -2.08
C ALA A 138 9.89 6.86 -2.13
N HIS A 139 9.90 6.13 -1.07
CA HIS A 139 10.53 4.82 -0.91
CA HIS A 139 10.55 4.85 -1.13
C HIS A 139 9.66 3.76 -1.59
N LEU A 140 10.13 2.97 -2.51
CA LEU A 140 9.30 1.94 -3.13
CA LEU A 140 9.39 1.88 -3.15
C LEU A 140 9.40 0.63 -2.34
N MET A 141 8.24 0.03 -2.14
CA MET A 141 8.10 -1.23 -1.42
CA MET A 141 8.21 -1.29 -1.48
C MET A 141 7.68 -2.35 -2.37
N ASN A 142 8.19 -3.54 -2.18
CA ASN A 142 7.76 -4.71 -2.93
C ASN A 142 6.26 -5.03 -2.69
N PHE A 143 5.59 -5.48 -3.74
CA PHE A 143 4.12 -5.83 -3.60
C PHE A 143 4.01 -7.13 -2.80
N PHE A 144 3.32 -7.08 -1.68
CA PHE A 144 3.21 -8.28 -0.85
C PHE A 144 2.37 -9.37 -1.42
N MET A 145 1.59 -9.09 -2.48
CA MET A 145 0.75 -10.14 -3.09
C MET A 145 1.50 -11.06 -4.02
N LEU A 146 2.70 -10.68 -4.45
CA LEU A 146 3.37 -11.50 -5.47
C LEU A 146 3.58 -12.96 -5.08
N ASP A 147 3.90 -13.17 -3.81
CA ASP A 147 4.16 -14.51 -3.29
CA ASP A 147 4.10 -14.58 -3.47
C ASP A 147 2.93 -15.12 -2.66
N ILE A 148 1.76 -14.48 -2.77
CA ILE A 148 0.52 -14.93 -2.15
C ILE A 148 -0.46 -15.36 -3.23
N ALA A 149 -0.63 -14.55 -4.29
CA ALA A 149 -1.75 -14.73 -5.23
C ALA A 149 -1.74 -16.02 -6.03
N GLY A 150 -0.58 -16.65 -6.20
CA GLY A 150 -0.49 -17.95 -6.92
C GLY A 150 -0.75 -19.19 -6.06
N LYS A 151 -1.02 -18.99 -4.78
CA LYS A 151 -1.28 -20.07 -3.81
C LYS A 151 -2.76 -20.13 -3.50
N SER A 152 -3.45 -21.13 -4.04
CA SER A 152 -4.91 -21.09 -3.92
C SER A 152 -5.41 -21.19 -2.45
N ASP A 153 -4.63 -21.85 -1.58
CA ASP A 153 -5.00 -21.99 -0.18
C ASP A 153 -4.85 -20.65 0.58
N LEU A 154 -4.30 -19.61 -0.07
CA LEU A 154 -4.09 -18.31 0.57
C LEU A 154 -5.07 -17.27 0.01
N MET A 155 -5.93 -17.65 -0.92
CA MET A 155 -6.85 -16.73 -1.59
C MET A 155 -8.29 -17.06 -1.33
N GLN A 156 -9.17 -16.07 -1.28
CA GLN A 156 -10.59 -16.29 -1.08
C GLN A 156 -11.21 -16.87 -2.35
N ASN A 157 -12.37 -17.48 -2.21
CA ASN A 157 -13.07 -18.03 -3.38
C ASN A 157 -12.98 -17.12 -4.62
N ASP A 158 -13.07 -15.80 -4.40
CA ASP A 158 -13.08 -14.84 -5.52
C ASP A 158 -11.76 -14.63 -6.27
N SER A 159 -10.70 -15.30 -5.84
CA SER A 159 -9.40 -15.18 -6.49
C SER A 159 -8.82 -13.78 -6.51
N LEU A 160 -9.43 -12.86 -5.77
CA LEU A 160 -8.94 -11.46 -5.76
C LEU A 160 -8.32 -11.08 -4.42
N HIS A 161 -8.99 -11.48 -3.36
CA HIS A 161 -8.62 -11.04 -2.02
C HIS A 161 -7.93 -12.17 -1.27
N PRO A 162 -6.81 -11.89 -0.59
CA PRO A 162 -6.21 -12.90 0.26
C PRO A 162 -7.11 -13.30 1.41
N ASN A 163 -6.96 -14.53 1.89
CA ASN A 163 -7.81 -15.04 2.96
C ASN A 163 -7.13 -14.94 4.33
N LYS A 164 -7.72 -15.54 5.34
CA LYS A 164 -7.17 -15.44 6.68
C LYS A 164 -5.78 -16.08 6.77
N LYS A 165 -5.58 -17.19 6.07
CA LYS A 165 -4.29 -17.87 6.11
C LYS A 165 -3.17 -17.01 5.52
N ALA A 166 -3.52 -16.16 4.56
CA ALA A 166 -2.51 -15.28 3.97
C ALA A 166 -1.99 -14.21 4.95
N GLN A 167 -2.78 -13.86 5.95
CA GLN A 167 -2.45 -12.65 6.74
C GLN A 167 -1.14 -12.75 7.53
N PRO A 168 -0.85 -13.88 8.19
CA PRO A 168 0.48 -13.95 8.87
C PRO A 168 1.65 -13.86 7.90
N LEU A 169 1.46 -14.39 6.68
CA LEU A 169 2.51 -14.30 5.68
C LEU A 169 2.73 -12.86 5.24
N ILE A 170 1.65 -12.16 4.98
CA ILE A 170 1.75 -10.75 4.60
C ILE A 170 2.35 -9.94 5.78
N ARG A 171 1.96 -10.24 7.03
CA ARG A 171 2.52 -9.57 8.21
C ARG A 171 4.02 -9.70 8.13
N ASP A 172 4.54 -10.89 7.86
CA ASP A 172 5.99 -11.05 7.92
C ASP A 172 6.69 -10.33 6.77
N GLU A 173 6.09 -10.29 5.57
N GLU A 173 6.06 -10.34 5.60
CA GLU A 173 6.68 -9.51 4.49
CA GLU A 173 6.57 -9.60 4.50
C GLU A 173 6.67 -8.01 4.77
C GLU A 173 6.69 -8.12 4.87
N MET A 174 5.60 -7.57 5.45
CA MET A 174 5.52 -6.15 5.76
C MET A 174 6.43 -5.77 6.92
N TYR A 175 6.61 -6.67 7.88
CA TYR A 175 7.60 -6.42 8.93
C TYR A 175 8.96 -6.15 8.28
N ASP A 176 9.32 -7.02 7.31
CA ASP A 176 10.63 -6.90 6.68
CA ASP A 176 10.62 -6.90 6.67
C ASP A 176 10.71 -5.65 5.81
N SER A 177 9.66 -5.37 5.04
CA SER A 177 9.69 -4.15 4.18
C SER A 177 9.74 -2.86 4.98
N ILE A 178 8.99 -2.81 6.12
CA ILE A 178 8.99 -1.63 6.97
C ILE A 178 10.34 -1.48 7.65
N LYS A 179 10.93 -2.59 8.11
CA LYS A 179 12.20 -2.50 8.75
C LYS A 179 13.27 -1.96 7.80
N LYS A 180 13.25 -2.48 6.55
CA LYS A 180 14.22 -1.99 5.56
C LYS A 180 13.99 -0.54 5.24
N TRP A 181 12.74 -0.10 5.15
CA TRP A 181 12.48 1.32 4.93
C TRP A 181 13.03 2.19 6.03
N LEU A 182 12.75 1.82 7.29
CA LEU A 182 13.10 2.71 8.40
C LEU A 182 14.58 2.64 8.76
N ASN A 183 15.27 1.64 8.22
CA ASN A 183 16.72 1.67 8.28
C ASN A 183 17.20 2.41 6.98
N ASN A 184 16.39 2.40 5.90
CA ASN A 184 16.77 3.06 4.65
C ASN A 184 16.71 4.59 4.71
#